data_5ICT
#
_entry.id   5ICT
#
_cell.length_a   53.208
_cell.length_b   58.406
_cell.length_c   99.802
_cell.angle_alpha   90.00
_cell.angle_beta   90.00
_cell.angle_gamma   90.00
#
_symmetry.space_group_name_H-M   'P 21 21 21'
#
loop_
_entity.id
_entity.type
_entity.pdbx_description
1 polymer 'Glutamate receptor 1'
2 non-polymer 'GLUTAMIC ACID'
3 non-polymer GLYCEROL
4 water water
#
_entity_poly.entity_id   1
_entity_poly.type   'polypeptide(L)'
_entity_poly.pdbx_seq_one_letter_code
;GSYDRNHTYIVSSLLEEPYLSLKQYTYGESLVGNDRFEGYCKDLADMLAAQLGIKYEIRLVQDGNYGAENQYAPGGWDGM
VGELIRKEADIAISAMTITAERERVIDFSKPFMTLGISIMIKKGTPIKTPEDLTMQTDVNYGTLLYGSTWEFFRRSQIGL
HNKMWEYMNANQHHSVHTTDEGIRRVRQSKGKYALLVESPKNEYVNARPPCDTMKVGRNIDTKGFGVATPIGSPLRKRLN
EAVLTLKENGELLRIRNKWWFDKTECN
;
_entity_poly.pdbx_strand_id   A
#
loop_
_chem_comp.id
_chem_comp.type
_chem_comp.name
_chem_comp.formula
GOL non-polymer GLYCEROL 'C3 H8 O3'
#
# COMPACT_ATOMS: atom_id res chain seq x y z
N GLY A 1 1.36 -28.14 10.31
CA GLY A 1 1.80 -29.52 9.95
C GLY A 1 0.70 -30.27 9.22
N SER A 2 -0.50 -29.68 9.22
CA SER A 2 -1.64 -30.22 8.51
C SER A 2 -2.03 -29.33 7.34
N TYR A 3 -1.02 -28.87 6.59
CA TYR A 3 -1.24 -28.23 5.30
C TYR A 3 -0.09 -28.61 4.40
N ASP A 4 -0.35 -28.49 3.11
CA ASP A 4 0.57 -28.90 2.06
C ASP A 4 1.81 -28.03 2.10
N ARG A 5 2.98 -28.63 2.34
CA ARG A 5 4.22 -27.84 2.30
C ARG A 5 5.10 -28.20 1.11
N ASN A 6 4.59 -29.02 0.18
CA ASN A 6 5.26 -29.18 -1.11
C ASN A 6 4.79 -28.17 -2.14
N HIS A 7 3.52 -27.74 -2.05
CA HIS A 7 2.99 -26.67 -2.89
C HIS A 7 3.82 -25.41 -2.78
N THR A 8 4.11 -24.78 -3.92
CA THR A 8 4.70 -23.44 -3.91
C THR A 8 3.57 -22.43 -3.89
N TYR A 9 3.42 -21.74 -2.76
CA TYR A 9 2.29 -20.84 -2.59
C TYR A 9 2.49 -19.59 -3.44
N ILE A 10 1.42 -19.16 -4.12
CA ILE A 10 1.48 -18.01 -5.01
C ILE A 10 1.14 -16.77 -4.21
N VAL A 11 2.06 -15.82 -4.20
CA VAL A 11 1.93 -14.60 -3.42
C VAL A 11 1.74 -13.47 -4.39
N SER A 12 0.57 -12.88 -4.36
CA SER A 12 0.29 -11.71 -5.15
C SER A 12 0.86 -10.48 -4.45
N SER A 13 1.44 -9.58 -5.23
CA SER A 13 1.97 -8.33 -4.70
C SER A 13 1.98 -7.29 -5.80
N LEU A 14 2.53 -6.13 -5.47
CA LEU A 14 2.40 -4.95 -6.32
C LEU A 14 3.63 -4.08 -6.08
N LEU A 15 4.32 -3.70 -7.17
CA LEU A 15 5.50 -2.88 -7.07
C LEU A 15 5.15 -1.48 -6.57
N GLU A 16 5.73 -1.11 -5.42
CA GLU A 16 5.44 0.18 -4.78
C GLU A 16 6.55 0.36 -3.76
N GLU A 17 7.51 1.24 -4.07
CA GLU A 17 8.66 1.43 -3.18
C GLU A 17 8.18 2.14 -1.91
N PRO A 18 8.68 1.76 -0.71
CA PRO A 18 9.70 0.74 -0.42
C PRO A 18 9.14 -0.60 -0.07
N TYR A 19 7.82 -0.77 -0.24
CA TYR A 19 7.21 -2.04 0.10
C TYR A 19 7.73 -3.15 -0.79
N LEU A 20 7.79 -2.89 -2.10
CA LEU A 20 8.29 -3.89 -3.04
C LEU A 20 8.85 -3.16 -4.24
N SER A 21 10.08 -3.49 -4.62
CA SER A 21 10.68 -2.86 -5.79
C SER A 21 11.56 -3.87 -6.51
N LEU A 22 11.93 -3.54 -7.74
CA LEU A 22 12.87 -4.38 -8.46
C LEU A 22 14.29 -4.04 -8.03
N LYS A 23 15.08 -5.05 -7.73
CA LYS A 23 16.49 -4.81 -7.51
C LYS A 23 17.11 -4.13 -8.74
N GLN A 24 18.05 -3.22 -8.50
CA GLN A 24 18.65 -2.44 -9.59
C GLN A 24 19.30 -3.37 -10.59
N TYR A 25 19.02 -3.13 -11.89
N TYR A 25 19.01 -3.13 -11.87
CA TYR A 25 19.58 -4.01 -12.91
CA TYR A 25 19.59 -3.96 -12.91
C TYR A 25 21.06 -3.72 -13.09
C TYR A 25 21.10 -3.73 -12.96
N THR A 26 21.82 -4.78 -13.31
CA THR A 26 23.28 -4.71 -13.38
C THR A 26 23.75 -5.38 -14.65
N TYR A 27 25.02 -5.15 -14.97
CA TYR A 27 25.55 -5.65 -16.23
C TYR A 27 25.68 -7.16 -16.19
N GLY A 28 25.35 -7.79 -17.32
CA GLY A 28 25.52 -9.20 -17.57
C GLY A 28 24.93 -10.22 -16.61
N GLU A 29 23.99 -9.84 -15.77
CA GLU A 29 23.41 -10.78 -14.82
C GLU A 29 21.90 -10.61 -14.87
N SER A 30 21.18 -11.71 -14.99
CA SER A 30 19.73 -11.68 -15.03
C SER A 30 19.18 -12.30 -13.75
N LEU A 31 18.40 -11.52 -13.01
CA LEU A 31 17.74 -12.05 -11.84
C LEU A 31 16.43 -12.70 -12.24
N VAL A 32 16.10 -13.81 -11.58
CA VAL A 32 14.87 -14.51 -11.85
C VAL A 32 14.18 -14.86 -10.53
N GLY A 33 12.90 -15.24 -10.63
CA GLY A 33 12.10 -15.62 -9.48
C GLY A 33 12.00 -14.51 -8.45
N ASN A 34 11.93 -14.93 -7.19
CA ASN A 34 11.77 -13.95 -6.13
C ASN A 34 13.00 -13.08 -5.96
N ASP A 35 14.16 -13.50 -6.49
N ASP A 35 14.16 -13.51 -6.48
CA ASP A 35 15.38 -12.72 -6.37
CA ASP A 35 15.40 -12.76 -6.37
C ASP A 35 15.29 -11.39 -7.09
C ASP A 35 15.35 -11.44 -7.14
N ARG A 36 14.33 -11.22 -7.98
CA ARG A 36 14.18 -9.96 -8.68
C ARG A 36 13.74 -8.84 -7.77
N PHE A 37 13.17 -9.18 -6.61
CA PHE A 37 12.43 -8.23 -5.79
C PHE A 37 13.15 -7.98 -4.48
N GLU A 38 12.99 -6.76 -3.98
CA GLU A 38 13.46 -6.41 -2.65
C GLU A 38 12.44 -5.46 -2.03
N GLY A 39 12.56 -5.27 -0.72
CA GLY A 39 11.75 -4.32 0.00
C GLY A 39 11.10 -4.92 1.23
N TYR A 40 10.37 -4.07 1.94
CA TYR A 40 9.78 -4.47 3.21
C TYR A 40 8.90 -5.72 3.05
N CYS A 41 8.06 -5.75 2.01
CA CYS A 41 7.13 -6.87 1.83
C CYS A 41 7.84 -8.12 1.35
N LYS A 42 8.96 -7.97 0.64
CA LYS A 42 9.79 -9.13 0.31
C LYS A 42 10.39 -9.74 1.57
N ASP A 43 10.95 -8.90 2.44
CA ASP A 43 11.49 -9.40 3.69
C ASP A 43 10.40 -10.02 4.55
N LEU A 44 9.23 -9.39 4.60
CA LEU A 44 8.11 -9.97 5.34
C LEU A 44 7.73 -11.33 4.77
N ALA A 45 7.60 -11.42 3.45
CA ALA A 45 7.22 -12.70 2.86
C ALA A 45 8.23 -13.77 3.20
N ASP A 46 9.52 -13.46 3.08
CA ASP A 46 10.55 -14.42 3.47
C ASP A 46 10.37 -14.88 4.91
N MET A 47 10.13 -13.94 5.83
CA MET A 47 10.02 -14.35 7.23
C MET A 47 8.75 -15.15 7.49
N LEU A 48 7.64 -14.78 6.85
CA LEU A 48 6.40 -15.53 7.03
C LEU A 48 6.55 -16.93 6.47
N ALA A 49 7.12 -17.06 5.28
CA ALA A 49 7.33 -18.35 4.68
C ALA A 49 8.22 -19.22 5.56
N ALA A 50 9.23 -18.63 6.20
CA ALA A 50 10.09 -19.39 7.09
C ALA A 50 9.34 -19.85 8.33
N GLN A 51 8.46 -19.00 8.86
CA GLN A 51 7.66 -19.38 10.03
C GLN A 51 6.76 -20.56 9.73
N LEU A 52 6.18 -20.58 8.54
CA LEU A 52 5.24 -21.61 8.13
C LEU A 52 5.92 -22.82 7.49
N GLY A 53 7.22 -22.74 7.24
CA GLY A 53 7.91 -23.80 6.51
C GLY A 53 7.38 -24.01 5.11
N ILE A 54 7.08 -22.94 4.40
CA ILE A 54 6.54 -23.08 3.06
C ILE A 54 7.45 -22.41 2.03
N LYS A 55 7.31 -22.88 0.80
CA LYS A 55 7.89 -22.26 -0.38
C LYS A 55 6.86 -21.29 -0.97
N TYR A 56 7.35 -20.21 -1.57
CA TYR A 56 6.43 -19.27 -2.20
C TYR A 56 7.05 -18.67 -3.46
N GLU A 57 6.16 -18.13 -4.28
CA GLU A 57 6.50 -17.48 -5.55
C GLU A 57 5.72 -16.17 -5.66
N ILE A 58 6.42 -15.06 -5.77
CA ILE A 58 5.79 -13.78 -6.01
C ILE A 58 5.32 -13.69 -7.45
N ARG A 59 4.03 -13.35 -7.63
CA ARG A 59 3.46 -13.13 -8.96
C ARG A 59 2.75 -11.78 -8.87
N LEU A 60 3.26 -10.78 -9.58
CA LEU A 60 2.69 -9.45 -9.46
C LEU A 60 1.27 -9.42 -10.02
N VAL A 61 0.42 -8.59 -9.39
CA VAL A 61 -0.99 -8.55 -9.74
C VAL A 61 -1.11 -8.17 -11.21
N GLN A 62 -2.03 -8.84 -11.91
CA GLN A 62 -2.03 -8.75 -13.36
C GLN A 62 -2.68 -7.48 -13.91
N ASP A 63 -3.27 -6.64 -13.06
CA ASP A 63 -3.78 -5.33 -13.48
C ASP A 63 -3.15 -4.17 -12.73
N GLY A 64 -2.10 -4.40 -11.96
CA GLY A 64 -1.41 -3.34 -11.25
C GLY A 64 -2.22 -2.62 -10.18
N ASN A 65 -3.29 -3.25 -9.65
CA ASN A 65 -4.24 -2.58 -8.77
C ASN A 65 -4.32 -3.27 -7.40
N TYR A 66 -4.68 -2.48 -6.38
CA TYR A 66 -4.79 -3.02 -5.02
C TYR A 66 -6.08 -3.84 -4.86
N GLY A 67 -7.20 -3.32 -5.36
CA GLY A 67 -8.48 -3.96 -5.20
C GLY A 67 -9.60 -2.99 -4.91
N ALA A 68 -10.57 -2.98 -5.81
CA ALA A 68 -11.74 -2.15 -5.72
C ALA A 68 -12.95 -2.89 -6.25
N GLU A 69 -14.10 -2.56 -5.70
CA GLU A 69 -15.36 -3.03 -6.24
C GLU A 69 -15.55 -2.51 -7.65
N ASN A 70 -15.79 -3.43 -8.57
CA ASN A 70 -15.79 -3.11 -9.99
C ASN A 70 -16.88 -3.93 -10.62
N GLN A 71 -17.88 -3.25 -11.15
CA GLN A 71 -19.01 -3.88 -11.85
C GLN A 71 -18.59 -4.56 -13.15
N TYR A 72 -17.30 -4.56 -13.50
CA TYR A 72 -16.79 -5.29 -14.64
C TYR A 72 -15.90 -6.45 -14.25
N ALA A 73 -15.44 -6.52 -12.97
CA ALA A 73 -14.46 -7.53 -12.61
C ALA A 73 -15.16 -8.84 -12.23
N PRO A 74 -14.65 -9.99 -12.64
CA PRO A 74 -15.27 -11.24 -12.21
C PRO A 74 -15.08 -11.45 -10.71
N GLY A 75 -16.19 -11.71 -10.01
CA GLY A 75 -16.16 -11.75 -8.55
C GLY A 75 -16.38 -10.40 -7.89
N GLY A 76 -16.46 -9.33 -8.66
CA GLY A 76 -16.88 -8.05 -8.16
C GLY A 76 -15.75 -7.15 -7.74
N TRP A 77 -14.52 -7.65 -7.74
CA TRP A 77 -13.36 -6.85 -7.34
C TRP A 77 -12.20 -7.02 -8.31
N ASP A 78 -11.48 -5.92 -8.58
CA ASP A 78 -10.25 -6.01 -9.36
C ASP A 78 -9.03 -6.14 -8.43
N GLY A 79 -7.84 -6.04 -9.00
CA GLY A 79 -6.60 -5.99 -8.24
C GLY A 79 -6.32 -7.26 -7.46
N MET A 80 -5.51 -7.11 -6.41
CA MET A 80 -5.08 -8.25 -5.61
C MET A 80 -6.27 -8.87 -4.89
N VAL A 81 -7.21 -8.04 -4.45
CA VAL A 81 -8.40 -8.57 -3.79
C VAL A 81 -9.12 -9.55 -4.71
N GLY A 82 -9.29 -9.16 -5.98
CA GLY A 82 -9.95 -10.05 -6.93
C GLY A 82 -9.16 -11.33 -7.19
N GLU A 83 -7.84 -11.23 -7.27
CA GLU A 83 -7.02 -12.43 -7.46
C GLU A 83 -7.24 -13.41 -6.31
N LEU A 84 -7.39 -12.92 -5.08
CA LEU A 84 -7.64 -13.82 -3.96
C LEU A 84 -9.04 -14.40 -4.03
N ILE A 85 -10.05 -13.55 -4.30
CA ILE A 85 -11.44 -14.04 -4.38
C ILE A 85 -11.55 -15.17 -5.38
N ARG A 86 -10.92 -15.02 -6.53
CA ARG A 86 -11.00 -15.99 -7.61
C ARG A 86 -9.99 -17.12 -7.46
N LYS A 87 -9.23 -17.17 -6.37
CA LYS A 87 -8.29 -18.26 -6.08
C LYS A 87 -7.18 -18.35 -7.11
N GLU A 88 -6.77 -17.19 -7.65
CA GLU A 88 -5.63 -17.10 -8.55
C GLU A 88 -4.31 -16.91 -7.81
N ALA A 89 -4.35 -16.55 -6.54
CA ALA A 89 -3.20 -16.46 -5.67
C ALA A 89 -3.62 -17.06 -4.33
N ASP A 90 -2.64 -17.53 -3.59
CA ASP A 90 -2.86 -18.07 -2.26
C ASP A 90 -2.79 -17.05 -1.13
N ILE A 91 -1.94 -16.02 -1.29
CA ILE A 91 -1.70 -15.00 -0.29
C ILE A 91 -1.46 -13.72 -1.06
N ALA A 92 -1.82 -12.57 -0.48
CA ALA A 92 -1.31 -11.29 -0.95
C ALA A 92 -0.51 -10.65 0.16
N ILE A 93 0.73 -10.29 -0.16
CA ILE A 93 1.65 -9.69 0.81
C ILE A 93 2.13 -8.41 0.15
N SER A 94 1.61 -7.29 0.65
N SER A 94 1.55 -7.29 0.58
CA SER A 94 1.70 -6.02 -0.03
CA SER A 94 1.75 -6.00 -0.04
C SER A 94 1.32 -4.95 1.00
C SER A 94 1.20 -4.97 0.94
N ALA A 95 1.30 -3.70 0.55
CA ALA A 95 0.81 -2.61 1.38
C ALA A 95 -0.71 -2.49 1.18
N MET A 96 -1.41 -3.57 1.54
CA MET A 96 -2.84 -3.66 1.35
C MET A 96 -3.56 -3.22 2.61
N THR A 97 -4.30 -2.12 2.49
CA THR A 97 -5.01 -1.56 3.61
C THR A 97 -6.18 -2.43 4.01
N ILE A 98 -6.30 -2.69 5.30
CA ILE A 98 -7.40 -3.44 5.86
C ILE A 98 -8.62 -2.51 5.93
N THR A 99 -9.65 -2.81 5.16
CA THR A 99 -10.88 -2.04 5.18
C THR A 99 -12.07 -2.95 5.47
N ALA A 100 -13.12 -2.36 6.05
CA ALA A 100 -14.34 -3.12 6.33
C ALA A 100 -14.91 -3.75 5.07
N GLU A 101 -14.86 -3.04 3.95
CA GLU A 101 -15.44 -3.59 2.73
C GLU A 101 -14.62 -4.77 2.23
N ARG A 102 -13.30 -4.68 2.32
CA ARG A 102 -12.48 -5.82 1.89
C ARG A 102 -12.62 -7.00 2.83
N GLU A 103 -12.75 -6.78 4.14
CA GLU A 103 -12.96 -7.89 5.07
C GLU A 103 -14.21 -8.71 4.78
N ARG A 104 -15.18 -8.16 4.05
N ARG A 104 -15.18 -8.16 4.05
CA ARG A 104 -16.35 -8.95 3.70
CA ARG A 104 -16.37 -8.94 3.70
C ARG A 104 -16.09 -9.97 2.61
C ARG A 104 -16.13 -9.93 2.57
N VAL A 105 -15.00 -9.83 1.87
CA VAL A 105 -14.72 -10.73 0.76
C VAL A 105 -13.39 -11.48 0.85
N ILE A 106 -12.43 -11.03 1.69
CA ILE A 106 -11.16 -11.70 1.92
C ILE A 106 -10.83 -11.57 3.40
N ASP A 107 -9.83 -12.32 3.85
CA ASP A 107 -9.41 -12.28 5.24
C ASP A 107 -8.05 -11.62 5.38
N PHE A 108 -7.87 -10.89 6.48
CA PHE A 108 -6.62 -10.24 6.81
C PHE A 108 -6.08 -10.76 8.14
N SER A 109 -4.76 -10.83 8.22
CA SER A 109 -4.10 -10.97 9.50
C SER A 109 -4.32 -9.72 10.35
N LYS A 110 -3.94 -9.82 11.63
CA LYS A 110 -3.72 -8.60 12.40
C LYS A 110 -2.72 -7.73 11.65
N PRO A 111 -2.77 -6.42 11.84
CA PRO A 111 -1.92 -5.55 11.04
C PRO A 111 -0.45 -5.74 11.35
N PHE A 112 0.38 -5.68 10.30
CA PHE A 112 1.82 -5.67 10.47
C PHE A 112 2.40 -4.26 10.49
N MET A 113 1.61 -3.26 10.15
CA MET A 113 2.05 -1.87 10.14
C MET A 113 0.82 -0.99 10.31
N THR A 114 0.98 0.11 11.03
CA THR A 114 -0.08 1.08 11.19
CA THR A 114 -0.06 1.11 11.21
C THR A 114 0.24 2.32 10.36
N LEU A 115 -0.81 3.01 9.94
CA LEU A 115 -0.65 4.13 9.03
C LEU A 115 -1.87 5.04 9.10
N GLY A 116 -1.79 6.17 8.39
CA GLY A 116 -2.96 6.98 8.16
C GLY A 116 -2.85 7.74 6.87
N ILE A 117 -3.99 8.23 6.40
CA ILE A 117 -4.01 9.11 5.25
C ILE A 117 -3.35 10.42 5.64
N SER A 118 -2.54 10.96 4.73
CA SER A 118 -1.80 12.20 4.97
C SER A 118 -1.71 12.99 3.68
N ILE A 119 -1.16 14.20 3.82
CA ILE A 119 -1.02 15.15 2.72
C ILE A 119 0.45 15.28 2.40
N MET A 120 0.79 15.16 1.12
CA MET A 120 2.12 15.47 0.60
C MET A 120 2.04 16.71 -0.28
N ILE A 121 2.92 17.68 0.00
CA ILE A 121 3.01 18.89 -0.81
C ILE A 121 4.45 19.08 -1.26
N LYS A 122 4.62 19.87 -2.33
CA LYS A 122 5.93 20.43 -2.65
C LYS A 122 6.25 21.54 -1.67
N LYS A 123 7.48 21.55 -1.18
CA LYS A 123 7.85 22.57 -0.18
C LYS A 123 7.53 23.96 -0.71
N GLY A 124 6.98 24.79 0.16
CA GLY A 124 6.53 26.13 -0.19
C GLY A 124 5.05 26.25 -0.46
N THR A 125 4.35 25.13 -0.66
CA THR A 125 2.93 25.19 -0.91
C THR A 125 2.23 25.67 0.35
N PRO A 126 1.30 26.70 0.24
CA PRO A 126 0.65 27.28 1.42
C PRO A 126 -0.55 26.45 1.89
N ILE A 127 -0.28 25.22 2.28
CA ILE A 127 -1.28 24.28 2.77
C ILE A 127 -0.71 23.64 4.02
N LYS A 128 -1.46 23.71 5.12
CA LYS A 128 -1.07 23.08 6.38
C LYS A 128 -2.05 22.03 6.88
N THR A 129 -3.28 22.01 6.37
CA THR A 129 -4.33 21.13 6.89
C THR A 129 -5.23 20.70 5.73
N PRO A 130 -5.94 19.59 5.90
CA PRO A 130 -6.99 19.27 4.92
C PRO A 130 -7.99 20.38 4.76
N GLU A 131 -8.33 21.06 5.86
CA GLU A 131 -9.29 22.16 5.77
C GLU A 131 -8.79 23.22 4.80
N ASP A 132 -7.50 23.53 4.85
CA ASP A 132 -6.92 24.52 3.95
C ASP A 132 -7.20 24.18 2.49
N LEU A 133 -7.06 22.91 2.11
CA LEU A 133 -7.32 22.54 0.72
C LEU A 133 -8.71 22.98 0.28
N THR A 134 -9.70 22.85 1.15
CA THR A 134 -11.08 23.09 0.77
C THR A 134 -11.45 24.56 0.79
N MET A 135 -10.53 25.43 1.24
N MET A 135 -10.55 25.43 1.24
CA MET A 135 -10.79 26.85 1.40
CA MET A 135 -10.84 26.85 1.36
C MET A 135 -10.09 27.70 0.34
C MET A 135 -10.04 27.70 0.38
N GLN A 136 -9.45 27.08 -0.64
CA GLN A 136 -8.67 27.80 -1.66
C GLN A 136 -8.88 27.11 -3.00
N THR A 137 -8.26 27.69 -4.06
CA THR A 137 -8.48 27.32 -5.45
C THR A 137 -7.22 26.92 -6.18
N ASP A 138 -6.08 27.55 -5.89
CA ASP A 138 -4.91 27.38 -6.75
C ASP A 138 -4.29 26.01 -6.64
N VAL A 139 -4.38 25.36 -5.48
CA VAL A 139 -3.79 24.04 -5.27
C VAL A 139 -4.86 22.99 -5.52
N ASN A 140 -4.69 22.21 -6.57
CA ASN A 140 -5.57 21.09 -6.81
C ASN A 140 -5.05 19.88 -6.07
N TYR A 141 -5.91 18.88 -5.91
CA TYR A 141 -5.46 17.71 -5.16
C TYR A 141 -6.18 16.46 -5.61
N GLY A 142 -5.63 15.32 -5.21
CA GLY A 142 -6.22 14.05 -5.52
C GLY A 142 -5.53 12.94 -4.79
N THR A 143 -5.85 11.73 -5.21
CA THR A 143 -5.32 10.54 -4.57
C THR A 143 -5.26 9.43 -5.63
N LEU A 144 -4.88 8.23 -5.18
CA LEU A 144 -4.95 7.04 -6.03
C LEU A 144 -6.41 6.72 -6.32
N LEU A 145 -6.78 6.67 -7.58
CA LEU A 145 -8.17 6.38 -7.93
C LEU A 145 -8.61 5.00 -7.43
N TYR A 146 -9.74 4.99 -6.73
CA TYR A 146 -10.51 3.80 -6.35
C TYR A 146 -9.86 2.93 -5.28
N GLY A 147 -8.74 3.32 -4.70
CA GLY A 147 -8.15 2.57 -3.60
C GLY A 147 -8.78 2.89 -2.26
N SER A 148 -8.08 2.49 -1.19
N SER A 148 -8.07 2.51 -1.20
CA SER A 148 -8.65 2.66 0.15
CA SER A 148 -8.64 2.67 0.13
C SER A 148 -8.77 4.13 0.54
C SER A 148 -8.79 4.15 0.50
N THR A 149 -7.83 4.99 0.12
CA THR A 149 -7.97 6.41 0.43
C THR A 149 -9.19 7.00 -0.28
N TRP A 150 -9.37 6.69 -1.55
CA TRP A 150 -10.55 7.10 -2.31
C TRP A 150 -11.83 6.68 -1.58
N GLU A 151 -11.90 5.43 -1.20
CA GLU A 151 -13.11 4.94 -0.53
C GLU A 151 -13.29 5.56 0.84
N PHE A 152 -12.21 5.86 1.56
CA PHE A 152 -12.35 6.54 2.84
C PHE A 152 -13.15 7.82 2.68
N PHE A 153 -12.81 8.64 1.69
CA PHE A 153 -13.48 9.93 1.54
C PHE A 153 -14.90 9.74 1.05
N ARG A 154 -15.11 8.83 0.12
CA ARG A 154 -16.45 8.53 -0.36
C ARG A 154 -17.38 8.14 0.77
N ARG A 155 -16.88 7.39 1.74
CA ARG A 155 -17.75 6.78 2.75
C ARG A 155 -17.78 7.53 4.07
N SER A 156 -16.92 8.52 4.27
CA SER A 156 -16.78 9.15 5.58
C SER A 156 -18.03 9.99 5.90
N GLN A 157 -18.40 10.00 7.18
CA GLN A 157 -19.53 10.79 7.66
C GLN A 157 -19.12 12.19 8.09
N ILE A 158 -17.82 12.47 8.17
CA ILE A 158 -17.35 13.81 8.52
C ILE A 158 -17.59 14.75 7.34
N GLY A 159 -18.17 15.92 7.63
CA GLY A 159 -18.51 16.85 6.55
C GLY A 159 -17.31 17.29 5.73
N LEU A 160 -16.18 17.57 6.39
CA LEU A 160 -14.99 17.97 5.66
C LEU A 160 -14.58 16.91 4.66
N HIS A 161 -14.59 15.64 5.09
CA HIS A 161 -14.18 14.54 4.21
C HIS A 161 -15.16 14.40 3.05
N ASN A 162 -16.44 14.61 3.30
CA ASN A 162 -17.41 14.55 2.22
C ASN A 162 -17.17 15.71 1.24
N LYS A 163 -16.78 16.88 1.75
CA LYS A 163 -16.49 17.99 0.87
C LYS A 163 -15.29 17.66 -0.04
N MET A 164 -14.25 17.06 0.54
CA MET A 164 -13.11 16.63 -0.27
C MET A 164 -13.51 15.54 -1.25
N TRP A 165 -14.36 14.60 -0.82
CA TRP A 165 -14.88 13.59 -1.74
C TRP A 165 -15.56 14.24 -2.94
N GLU A 166 -16.46 15.19 -2.70
CA GLU A 166 -17.22 15.78 -3.79
C GLU A 166 -16.30 16.47 -4.79
N TYR A 167 -15.30 17.20 -4.30
CA TYR A 167 -14.29 17.79 -5.17
C TYR A 167 -13.57 16.73 -5.99
N MET A 168 -13.01 15.71 -5.34
CA MET A 168 -12.21 14.74 -6.09
C MET A 168 -13.07 13.98 -7.10
N ASN A 169 -14.27 13.58 -6.70
CA ASN A 169 -15.12 12.85 -7.62
C ASN A 169 -15.50 13.69 -8.83
N ALA A 170 -15.63 15.01 -8.64
CA ALA A 170 -15.90 15.91 -9.75
C ALA A 170 -14.66 16.31 -10.52
N ASN A 171 -13.47 15.98 -10.02
CA ASN A 171 -12.22 16.36 -10.65
C ASN A 171 -11.28 15.16 -10.70
N GLN A 172 -11.76 14.05 -11.27
CA GLN A 172 -10.98 12.83 -11.26
C GLN A 172 -9.69 12.97 -12.08
N HIS A 173 -9.60 13.96 -12.97
CA HIS A 173 -8.34 14.14 -13.68
C HIS A 173 -7.20 14.58 -12.76
N HIS A 174 -7.52 15.11 -11.58
CA HIS A 174 -6.48 15.44 -10.61
C HIS A 174 -6.14 14.29 -9.69
N SER A 175 -6.77 13.13 -9.85
CA SER A 175 -6.34 11.90 -9.18
C SER A 175 -5.63 11.00 -10.19
N VAL A 176 -5.03 9.90 -9.70
CA VAL A 176 -3.99 9.20 -10.43
C VAL A 176 -4.19 7.69 -10.36
N HIS A 177 -3.62 7.00 -11.34
CA HIS A 177 -3.70 5.54 -11.40
C HIS A 177 -2.53 4.84 -10.73
N THR A 178 -1.48 5.58 -10.37
CA THR A 178 -0.39 5.03 -9.56
C THR A 178 0.01 6.14 -8.59
N THR A 179 0.36 5.74 -7.38
CA THR A 179 0.78 6.74 -6.42
C THR A 179 2.04 7.44 -6.88
N ASP A 180 2.93 6.72 -7.55
CA ASP A 180 4.14 7.38 -8.05
C ASP A 180 3.83 8.49 -9.07
N GLU A 181 2.77 8.36 -9.89
CA GLU A 181 2.39 9.47 -10.77
C GLU A 181 1.89 10.66 -9.95
N GLY A 182 1.20 10.39 -8.85
CA GLY A 182 0.81 11.46 -7.95
C GLY A 182 2.00 12.21 -7.39
N ILE A 183 3.07 11.48 -7.02
CA ILE A 183 4.25 12.09 -6.46
C ILE A 183 4.95 12.91 -7.53
N ARG A 184 5.03 12.38 -8.75
CA ARG A 184 5.57 13.20 -9.85
C ARG A 184 4.76 14.49 -10.01
N ARG A 185 3.42 14.41 -9.92
CA ARG A 185 2.63 15.63 -10.07
C ARG A 185 2.88 16.63 -8.96
N VAL A 186 3.07 16.15 -7.72
CA VAL A 186 3.46 17.06 -6.65
C VAL A 186 4.73 17.79 -7.03
N ARG A 187 5.74 17.04 -7.46
CA ARG A 187 7.07 17.59 -7.72
C ARG A 187 7.08 18.52 -8.91
N GLN A 188 6.27 18.26 -9.92
CA GLN A 188 6.36 18.98 -11.19
C GLN A 188 5.32 20.09 -11.34
N SER A 189 4.46 20.33 -10.34
CA SER A 189 3.34 21.24 -10.47
C SER A 189 3.56 22.61 -9.81
N LYS A 190 4.80 22.92 -9.42
CA LYS A 190 5.17 24.27 -8.99
C LYS A 190 4.31 24.75 -7.84
N GLY A 191 3.98 23.85 -6.92
CA GLY A 191 3.21 24.22 -5.75
C GLY A 191 1.71 24.22 -5.93
N LYS A 192 1.19 23.72 -7.05
CA LYS A 192 -0.23 23.77 -7.33
C LYS A 192 -0.89 22.39 -7.24
N TYR A 193 -0.20 21.40 -6.70
CA TYR A 193 -0.80 20.08 -6.54
C TYR A 193 -0.42 19.50 -5.19
N ALA A 194 -1.41 18.92 -4.49
CA ALA A 194 -1.18 18.19 -3.25
C ALA A 194 -1.75 16.79 -3.39
N LEU A 195 -1.08 15.81 -2.78
CA LEU A 195 -1.46 14.41 -2.91
C LEU A 195 -1.93 13.87 -1.56
N LEU A 196 -3.07 13.19 -1.56
CA LEU A 196 -3.52 12.47 -0.39
C LEU A 196 -2.92 11.06 -0.51
N VAL A 197 -2.05 10.70 0.44
CA VAL A 197 -1.18 9.55 0.28
C VAL A 197 -1.00 8.95 1.66
N GLU A 198 -0.90 7.62 1.72
CA GLU A 198 -0.73 6.96 3.01
C GLU A 198 0.63 7.30 3.62
N SER A 199 0.64 7.47 4.96
CA SER A 199 1.79 8.08 5.63
C SER A 199 3.11 7.32 5.45
N PRO A 200 3.18 5.98 5.38
CA PRO A 200 4.50 5.36 5.22
C PRO A 200 5.14 5.68 3.89
N LYS A 201 4.34 5.74 2.83
CA LYS A 201 4.85 6.14 1.54
C LYS A 201 5.31 7.58 1.58
N ASN A 202 4.46 8.45 2.12
CA ASN A 202 4.77 9.88 2.25
C ASN A 202 6.09 10.08 2.97
N GLU A 203 6.24 9.44 4.13
CA GLU A 203 7.43 9.60 4.96
C GLU A 203 8.67 9.12 4.22
N TYR A 204 8.55 7.98 3.53
CA TYR A 204 9.68 7.46 2.78
C TYR A 204 10.16 8.44 1.73
N VAL A 205 9.22 8.98 0.94
CA VAL A 205 9.58 9.86 -0.17
C VAL A 205 10.19 11.16 0.36
N ASN A 206 9.61 11.69 1.43
CA ASN A 206 10.07 12.98 1.93
C ASN A 206 11.47 12.92 2.50
N ALA A 207 11.91 11.74 2.94
CA ALA A 207 13.22 11.61 3.55
C ALA A 207 14.32 11.30 2.55
N ARG A 208 14.00 11.23 1.26
N ARG A 208 14.01 11.24 1.26
CA ARG A 208 14.97 10.89 0.23
CA ARG A 208 14.98 10.89 0.24
C ARG A 208 15.05 11.97 -0.83
C ARG A 208 15.04 11.94 -0.84
N PRO A 209 16.17 12.04 -1.56
CA PRO A 209 16.33 13.05 -2.60
C PRO A 209 15.24 12.91 -3.61
N PRO A 210 14.83 14.02 -4.21
CA PRO A 210 15.43 15.37 -4.10
C PRO A 210 15.03 16.28 -2.92
N CYS A 211 14.46 15.76 -1.84
CA CYS A 211 14.15 16.56 -0.65
C CYS A 211 13.27 17.77 -0.97
N ASP A 212 12.35 17.63 -1.91
CA ASP A 212 11.50 18.74 -2.32
C ASP A 212 10.06 18.59 -1.88
N THR A 213 9.71 17.54 -1.13
CA THR A 213 8.36 17.28 -0.68
C THR A 213 8.30 17.26 0.85
N MET A 214 7.10 17.48 1.41
CA MET A 214 6.93 17.31 2.84
C MET A 214 5.49 16.92 3.15
N LYS A 215 5.33 16.35 4.34
CA LYS A 215 4.04 16.01 4.91
C LYS A 215 3.53 17.20 5.73
N VAL A 216 2.27 17.54 5.55
CA VAL A 216 1.64 18.57 6.37
C VAL A 216 0.40 18.01 7.03
N GLY A 217 0.12 18.51 8.23
CA GLY A 217 -1.10 18.15 8.94
C GLY A 217 -0.94 16.85 9.71
N ARG A 218 -1.93 16.58 10.54
CA ARG A 218 -1.96 15.30 11.22
C ARG A 218 -2.46 14.24 10.25
N ASN A 219 -2.18 13.00 10.54
CA ASN A 219 -2.84 11.94 9.80
C ASN A 219 -4.35 12.07 9.97
N ILE A 220 -5.08 11.78 8.90
CA ILE A 220 -6.52 11.97 8.86
C ILE A 220 -7.25 10.81 9.49
N ASP A 221 -6.66 9.61 9.47
CA ASP A 221 -7.25 8.45 10.11
C ASP A 221 -6.13 7.55 10.61
N THR A 222 -6.53 6.40 11.14
CA THR A 222 -5.60 5.42 11.67
C THR A 222 -6.09 4.05 11.23
N LYS A 223 -5.22 3.29 10.61
CA LYS A 223 -5.60 1.96 10.12
C LYS A 223 -4.33 1.14 9.90
N GLY A 224 -4.49 -0.06 9.33
CA GLY A 224 -3.38 -1.00 9.21
C GLY A 224 -3.28 -1.66 7.84
N PHE A 225 -2.09 -2.17 7.56
CA PHE A 225 -1.85 -3.10 6.47
C PHE A 225 -1.87 -4.52 7.01
N GLY A 226 -2.42 -5.47 6.26
CA GLY A 226 -2.45 -6.85 6.70
C GLY A 226 -2.11 -7.82 5.58
N VAL A 227 -1.74 -9.05 6.00
CA VAL A 227 -1.54 -10.14 5.07
C VAL A 227 -2.91 -10.70 4.72
N ALA A 228 -3.19 -10.85 3.43
CA ALA A 228 -4.52 -11.21 2.98
C ALA A 228 -4.57 -12.60 2.36
N THR A 229 -5.64 -13.32 2.66
CA THR A 229 -5.87 -14.65 2.13
C THR A 229 -7.30 -14.81 1.63
N PRO A 230 -7.52 -15.71 0.66
CA PRO A 230 -8.88 -16.05 0.25
C PRO A 230 -9.58 -16.69 1.43
N ILE A 231 -10.90 -16.48 1.49
CA ILE A 231 -11.63 -17.10 2.59
C ILE A 231 -11.45 -18.60 2.52
N GLY A 232 -11.44 -19.22 3.70
CA GLY A 232 -11.23 -20.65 3.78
C GLY A 232 -9.79 -21.12 3.72
N SER A 233 -8.83 -20.24 3.45
CA SER A 233 -7.45 -20.65 3.31
C SER A 233 -7.02 -21.51 4.50
N PRO A 234 -6.38 -22.65 4.26
CA PRO A 234 -5.81 -23.44 5.37
C PRO A 234 -4.71 -22.71 6.12
N LEU A 235 -4.11 -21.67 5.53
CA LEU A 235 -3.02 -20.92 6.16
C LEU A 235 -3.50 -19.78 7.04
N ARG A 236 -4.79 -19.46 7.07
CA ARG A 236 -5.25 -18.22 7.70
C ARG A 236 -4.75 -18.09 9.14
N LYS A 237 -5.01 -19.10 9.98
CA LYS A 237 -4.65 -18.99 11.38
C LYS A 237 -3.15 -18.91 11.55
N ARG A 238 -2.41 -19.77 10.85
N ARG A 238 -2.40 -19.75 10.84
CA ARG A 238 -0.96 -19.78 11.01
CA ARG A 238 -0.96 -19.78 11.02
C ARG A 238 -0.33 -18.47 10.55
C ARG A 238 -0.27 -18.52 10.50
N LEU A 239 -0.82 -17.89 9.45
CA LEU A 239 -0.28 -16.61 9.00
C LEU A 239 -0.51 -15.52 10.03
N ASN A 240 -1.71 -15.48 10.62
CA ASN A 240 -1.93 -14.49 11.67
C ASN A 240 -1.00 -14.72 12.86
N GLU A 241 -0.82 -15.98 13.26
CA GLU A 241 0.10 -16.29 14.35
C GLU A 241 1.52 -15.88 14.00
N ALA A 242 1.92 -16.09 12.75
CA ALA A 242 3.26 -15.71 12.33
C ALA A 242 3.46 -14.20 12.38
N VAL A 243 2.47 -13.42 11.94
CA VAL A 243 2.58 -11.97 12.06
C VAL A 243 2.77 -11.58 13.52
N LEU A 244 1.97 -12.17 14.40
CA LEU A 244 2.06 -11.85 15.81
C LEU A 244 3.43 -12.22 16.37
N THR A 245 3.97 -13.38 15.96
CA THR A 245 5.31 -13.78 16.37
C THR A 245 6.34 -12.77 15.93
N LEU A 246 6.27 -12.31 14.68
CA LEU A 246 7.26 -11.37 14.17
C LEU A 246 7.08 -9.99 14.81
N LYS A 247 5.86 -9.63 15.18
CA LYS A 247 5.64 -8.40 15.91
C LYS A 247 6.28 -8.47 17.30
N GLU A 248 6.05 -9.58 18.02
CA GLU A 248 6.57 -9.71 19.38
C GLU A 248 8.08 -9.86 19.43
N ASN A 249 8.70 -10.52 18.44
CA ASN A 249 10.13 -10.76 18.53
C ASN A 249 10.97 -9.66 17.88
N GLY A 250 10.36 -8.54 17.51
CA GLY A 250 11.12 -7.42 17.04
C GLY A 250 11.43 -7.43 15.57
N GLU A 251 11.02 -8.48 14.84
CA GLU A 251 11.39 -8.59 13.44
C GLU A 251 10.67 -7.57 12.57
N LEU A 252 9.39 -7.27 12.86
CA LEU A 252 8.70 -6.25 12.08
C LEU A 252 9.34 -4.89 12.29
N LEU A 253 9.72 -4.58 13.53
CA LEU A 253 10.42 -3.33 13.79
C LEU A 253 11.76 -3.30 13.07
N ARG A 254 12.48 -4.42 13.04
CA ARG A 254 13.78 -4.44 12.36
C ARG A 254 13.62 -4.10 10.88
N ILE A 255 12.70 -4.76 10.18
CA ILE A 255 12.56 -4.48 8.75
C ILE A 255 11.88 -3.13 8.48
N ARG A 256 11.08 -2.61 9.39
CA ARG A 256 10.61 -1.24 9.20
C ARG A 256 11.77 -0.27 9.30
N ASN A 257 12.65 -0.45 10.28
CA ASN A 257 13.81 0.43 10.38
C ASN A 257 14.74 0.27 9.18
N LYS A 258 14.88 -0.95 8.67
CA LYS A 258 15.72 -1.20 7.52
C LYS A 258 15.30 -0.37 6.31
N TRP A 259 14.00 -0.35 6.00
CA TRP A 259 13.53 0.26 4.77
C TRP A 259 13.14 1.71 4.90
N TRP A 260 12.97 2.23 6.12
CA TRP A 260 12.61 3.63 6.31
C TRP A 260 13.74 4.41 6.97
N PHE A 261 14.16 4.02 8.17
CA PHE A 261 15.11 4.86 8.89
C PHE A 261 16.52 4.72 8.33
N ASP A 262 16.96 3.50 8.04
CA ASP A 262 18.29 3.29 7.49
C ASP A 262 18.47 3.96 6.12
N LYS A 263 17.39 4.45 5.51
CA LYS A 263 17.47 5.01 4.16
C LYS A 263 17.07 6.49 4.15
N THR A 264 17.50 7.25 5.16
CA THR A 264 17.14 8.67 5.29
C THR A 264 18.31 9.52 4.78
N GLU A 265 18.19 9.97 3.53
CA GLU A 265 19.22 10.81 2.92
C GLU A 265 18.98 12.30 3.10
N CYS A 266 17.75 12.75 3.40
CA CYS A 266 17.50 14.16 3.67
C CYS A 266 17.75 14.48 5.14
N GLU B . -2.82 0.92 0.29
CA GLU B . -4.03 1.36 -0.46
C GLU B . -4.96 0.18 -0.72
O GLU B . -5.98 0.37 -1.39
CB GLU B . -3.63 2.02 -1.78
CG GLU B . -3.10 3.43 -1.56
CD GLU B . -4.19 4.43 -1.23
OE1 GLU B . -5.37 4.12 -1.45
OE2 GLU B . -3.87 5.52 -0.70
OXT GLU B . -4.70 -0.91 -0.18
H1 GLU B . -2.33 1.63 0.48
H2 GLU B . -3.08 0.52 1.04
H3 GLU B . -2.35 0.36 -0.21
HA GLU B . -4.51 2.02 0.07
HB2 GLU B . -2.93 1.49 -2.20
HB3 GLU B . -4.41 2.07 -2.35
HG2 GLU B . -2.47 3.42 -0.83
HG3 GLU B . -2.66 3.73 -2.37
C1 GOL C . -8.07 0.53 -8.76
O1 GOL C . -9.20 -0.02 -9.44
C2 GOL C . -8.02 0.10 -7.29
O2 GOL C . -8.06 -1.31 -7.24
C3 GOL C . -6.80 0.62 -6.53
O3 GOL C . -5.57 0.14 -7.04
H11 GOL C . -8.11 1.62 -8.81
H12 GOL C . -7.16 0.21 -9.26
HO1 GOL C . -9.24 0.33 -10.35
H2 GOL C . -8.92 0.49 -6.80
HO2 GOL C . -7.23 -1.67 -7.65
H31 GOL C . -6.90 0.33 -5.48
H32 GOL C . -6.79 1.71 -6.57
HO3 GOL C . -5.44 0.48 -7.95
C1 GOL D . -14.68 -15.05 7.34
O1 GOL D . -14.21 -14.48 6.13
C2 GOL D . -16.06 -15.65 7.09
O2 GOL D . -16.95 -14.60 6.80
C3 GOL D . -16.04 -16.65 5.93
O3 GOL D . -15.25 -17.77 6.23
H11 GOL D . -14.76 -14.27 8.11
H12 GOL D . -14.00 -15.81 7.69
HO1 GOL D . -13.36 -14.02 6.31
H2 GOL D . -16.38 -16.17 7.99
HO2 GOL D . -16.67 -14.15 5.98
H31 GOL D . -15.65 -16.16 5.04
H32 GOL D . -17.05 -16.97 5.73
HO3 GOL D . -14.31 -17.56 6.05
#